data_4LER
#
_entry.id   4LER
#
_cell.length_a   71.001
_cell.length_b   71.001
_cell.length_c   184.695
_cell.angle_alpha   90.000
_cell.angle_beta   90.000
_cell.angle_gamma   90.000
#
_symmetry.space_group_name_H-M   'P 41 21 2'
#
loop_
_entity.id
_entity.type
_entity.pdbx_description
1 polymer 'Putative outer membrane protein, probably involved in nutrient binding'
2 non-polymer 'CHLORIDE ION'
3 water water
#
_entity_poly.entity_id   1
_entity_poly.type   'polypeptide(L)'
_entity_poly.pdbx_seq_one_letter_code
;GE(MSE)NVDPNNATTTNPSLLLTGVAYSAFNQTSSDACHAAK(MSE)LILTSGESKYQVYKWTRGDFDYYSNLRDVTK
(MSE)SEEAGEGSAYQALAHFFRANYFYQLTLDFGSIPYTDALKAETDANYQPAYDSQEVVLAGILKELEEADK(MSE)L
EGSDEIISGDIIYNGNLVNWRKLINAYRLRIL(MSE)SLSGKEKVGDIDVKSEFSKIVADGPL(MSE)ESLSDNGQLIYL
DQQDNRYPYFNDSDFGSGRF(MSE)DSTYIAELATRQDPRLFAVATQTPNAEKAGKAINDFSSYDGGDPAVPYSLVNDKA
VAGNCSKPAPRYYQTPTNEP(MSE)VLLGYVEQQLILAEAVVRGWIQGDDKIYYESAVKASFEFYQKYAVSVADYLTQDA
AAEYLRNDKVAYSSSLSTDEKIERII(MSE)QKYLPTFLQGSVWLPYYEALRTGYPDFRRAAGVSLPYRW(MSE)YPQDE
YNNNATHVEAALNEQFGGSDKTSDKPWWLQ
;
_entity_poly.pdbx_strand_id   A
#
loop_
_chem_comp.id
_chem_comp.type
_chem_comp.name
_chem_comp.formula
CL non-polymer 'CHLORIDE ION' 'Cl -1'
#
# COMPACT_ATOMS: atom_id res chain seq x y z
N THR A 13 16.11 -28.30 4.12
CA THR A 13 15.77 -26.86 4.33
C THR A 13 16.15 -26.39 5.75
N ASN A 14 16.08 -25.07 5.94
CA ASN A 14 16.35 -24.45 7.21
C ASN A 14 15.65 -23.10 7.22
N PRO A 15 15.48 -22.51 8.41
CA PRO A 15 14.68 -21.27 8.46
C PRO A 15 15.25 -20.12 7.65
N SER A 16 16.57 -20.07 7.48
CA SER A 16 17.17 -18.99 6.73
C SER A 16 16.76 -19.04 5.27
N LEU A 17 16.82 -20.23 4.69
CA LEU A 17 16.40 -20.42 3.31
C LEU A 17 14.93 -20.12 3.16
N LEU A 18 14.14 -20.56 4.13
CA LEU A 18 12.70 -20.28 4.10
C LEU A 18 12.37 -18.81 4.27
N LEU A 19 13.10 -18.10 5.12
CA LEU A 19 12.93 -16.66 5.30
C LEU A 19 13.11 -15.93 3.99
N THR A 20 14.15 -16.28 3.23
CA THR A 20 14.39 -15.59 1.98
C THR A 20 13.15 -15.66 1.09
N GLY A 21 12.55 -16.85 1.03
CA GLY A 21 11.39 -17.02 0.18
C GLY A 21 10.17 -16.28 0.69
N VAL A 22 9.95 -16.35 1.99
CA VAL A 22 8.83 -15.69 2.64
C VAL A 22 8.95 -14.18 2.49
N ALA A 23 10.14 -13.65 2.74
CA ALA A 23 10.37 -12.22 2.66
C ALA A 23 10.19 -11.71 1.24
N TYR A 24 10.74 -12.43 0.26
CA TYR A 24 10.60 -12.00 -1.13
C TYR A 24 9.12 -11.92 -1.48
N SER A 25 8.38 -12.97 -1.19
N SER A 25 8.38 -12.99 -1.16
CA SER A 25 6.98 -13.01 -1.57
CA SER A 25 6.96 -13.09 -1.50
C SER A 25 6.18 -11.87 -0.93
C SER A 25 6.14 -11.93 -0.91
N ALA A 26 6.41 -11.61 0.35
CA ALA A 26 5.65 -10.58 1.07
C ALA A 26 5.98 -9.19 0.56
N PHE A 27 7.27 -8.91 0.39
CA PHE A 27 7.70 -7.58 0.03
C PHE A 27 7.54 -7.29 -1.48
N ASN A 28 7.33 -8.33 -2.29
CA ASN A 28 7.13 -8.19 -3.73
C ASN A 28 5.67 -7.90 -4.10
N GLN A 29 4.77 -7.81 -3.12
CA GLN A 29 3.35 -7.57 -3.44
C GLN A 29 3.11 -6.17 -3.98
N THR A 30 2.26 -6.10 -5.00
CA THR A 30 1.92 -4.84 -5.65
C THR A 30 0.65 -5.12 -6.43
N SER A 31 -0.09 -4.06 -6.76
CA SER A 31 -1.36 -4.28 -7.45
C SER A 31 -1.69 -3.19 -8.45
N SER A 32 -1.57 -3.50 -9.74
CA SER A 32 -2.05 -2.55 -10.74
C SER A 32 -3.58 -2.42 -10.66
N ASP A 33 -4.30 -3.46 -10.24
CA ASP A 33 -5.76 -3.34 -10.06
C ASP A 33 -6.09 -2.25 -9.05
N ALA A 34 -5.40 -2.28 -7.92
CA ALA A 34 -5.59 -1.27 -6.89
C ALA A 34 -5.34 0.13 -7.46
N CYS A 35 -4.37 0.25 -8.35
CA CYS A 35 -4.05 1.55 -8.94
C CYS A 35 -5.12 2.06 -9.92
N HIS A 36 -5.96 1.16 -10.42
CA HIS A 36 -7.16 1.55 -11.18
C HIS A 36 -8.24 2.03 -10.20
N ALA A 37 -8.47 1.27 -9.13
CA ALA A 37 -9.44 1.68 -8.12
C ALA A 37 -9.05 2.98 -7.45
N ALA A 38 -7.75 3.22 -7.30
CA ALA A 38 -7.26 4.43 -6.66
C ALA A 38 -6.98 5.57 -7.64
N LYS A 39 -7.54 5.45 -8.83
CA LYS A 39 -7.62 6.55 -9.79
C LYS A 39 -6.28 7.05 -10.28
N MSE A 40 -5.38 6.10 -10.56
CA MSE A 40 -4.09 6.41 -11.15
C MSE A 40 -3.91 5.91 -12.59
O MSE A 40 -3.23 6.55 -13.39
CB MSE A 40 -2.98 5.85 -10.28
CG MSE A 40 -2.90 6.50 -8.90
SE MSE A 40 -1.69 5.59 -7.76
CE MSE A 40 -1.36 6.92 -6.45
N LEU A 41 -4.51 4.76 -12.86
CA LEU A 41 -4.46 4.14 -14.19
C LEU A 41 -5.84 4.02 -14.75
N ILE A 42 -5.94 4.04 -16.07
CA ILE A 42 -7.18 3.72 -16.77
C ILE A 42 -6.90 2.66 -17.83
N LEU A 43 -7.98 1.99 -18.23
CA LEU A 43 -7.97 1.04 -19.32
C LEU A 43 -8.89 1.59 -20.41
N THR A 44 -8.36 1.78 -21.60
CA THR A 44 -9.13 2.43 -22.69
C THR A 44 -9.61 1.46 -23.76
N SER A 45 -9.18 0.19 -23.67
CA SER A 45 -9.58 -0.85 -24.62
C SER A 45 -10.80 -1.67 -24.17
N GLY A 46 -11.21 -1.49 -22.93
CA GLY A 46 -12.34 -2.19 -22.35
C GLY A 46 -12.66 -1.57 -20.99
N GLU A 47 -13.70 -2.06 -20.35
CA GLU A 47 -14.11 -1.59 -19.04
C GLU A 47 -13.34 -2.35 -17.95
N SER A 48 -12.50 -1.66 -17.20
CA SER A 48 -11.88 -2.25 -16.02
C SER A 48 -12.82 -2.20 -14.84
N LYS A 49 -13.12 -3.35 -14.23
CA LYS A 49 -14.06 -3.41 -13.13
C LYS A 49 -13.50 -2.67 -11.93
N TYR A 50 -12.18 -2.53 -11.87
CA TYR A 50 -11.57 -1.83 -10.72
C TYR A 50 -11.67 -0.33 -10.89
N GLN A 51 -11.47 0.12 -12.12
CA GLN A 51 -11.60 1.53 -12.48
C GLN A 51 -12.99 2.09 -12.19
N VAL A 52 -14.02 1.28 -12.44
CA VAL A 52 -15.43 1.72 -12.30
C VAL A 52 -16.21 1.04 -11.16
N TYR A 53 -15.48 0.43 -10.24
CA TYR A 53 -16.05 0.01 -8.95
C TYR A 53 -17.12 -1.05 -9.11
N LYS A 54 -16.86 -1.99 -10.02
CA LYS A 54 -17.80 -3.08 -10.31
C LYS A 54 -17.30 -4.44 -9.86
N TRP A 55 -16.24 -4.48 -9.05
CA TRP A 55 -15.82 -5.78 -8.52
C TRP A 55 -16.85 -6.43 -7.61
N THR A 56 -16.71 -7.74 -7.43
CA THR A 56 -17.60 -8.50 -6.59
C THR A 56 -16.76 -9.29 -5.57
N ARG A 57 -16.34 -10.49 -5.94
CA ARG A 57 -15.65 -11.38 -5.00
C ARG A 57 -14.17 -11.14 -4.99
N GLY A 58 -13.58 -11.30 -3.82
CA GLY A 58 -12.13 -11.25 -3.66
C GLY A 58 -11.64 -12.67 -3.68
N ASP A 59 -10.38 -12.85 -3.31
CA ASP A 59 -9.80 -14.18 -3.27
C ASP A 59 -9.01 -14.40 -1.97
N PHE A 60 -8.83 -15.67 -1.62
CA PHE A 60 -8.12 -16.08 -0.43
C PHE A 60 -6.71 -16.56 -0.76
N ASP A 61 -6.10 -16.00 -1.81
CA ASP A 61 -4.78 -16.45 -2.25
C ASP A 61 -3.70 -16.27 -1.18
N TYR A 62 -3.82 -15.24 -0.34
CA TYR A 62 -2.81 -15.02 0.70
C TYR A 62 -2.74 -16.15 1.73
N TYR A 63 -3.75 -17.01 1.80
CA TYR A 63 -3.63 -18.15 2.71
C TYR A 63 -2.51 -19.11 2.28
N SER A 64 -2.21 -19.18 0.98
CA SER A 64 -1.08 -19.98 0.51
CA SER A 64 -1.08 -19.96 0.48
C SER A 64 0.23 -19.38 1.02
N ASN A 65 0.36 -18.05 0.93
CA ASN A 65 1.53 -17.36 1.47
C ASN A 65 1.64 -17.62 2.98
N LEU A 66 0.51 -17.58 3.69
CA LEU A 66 0.49 -17.81 5.12
C LEU A 66 0.95 -19.22 5.49
N ARG A 67 0.63 -20.19 4.65
CA ARG A 67 1.12 -21.55 4.87
C ARG A 67 2.64 -21.62 4.76
N ASP A 68 3.24 -20.85 3.87
CA ASP A 68 4.70 -20.77 3.76
C ASP A 68 5.33 -20.09 4.99
N VAL A 69 4.68 -19.05 5.52
CA VAL A 69 5.12 -18.41 6.74
C VAL A 69 5.11 -19.45 7.87
N THR A 70 4.04 -20.23 7.95
CA THR A 70 3.90 -21.24 8.99
C THR A 70 5.04 -22.26 8.94
N LYS A 71 5.39 -22.69 7.73
CA LYS A 71 6.48 -23.66 7.56
C LYS A 71 7.81 -23.08 8.08
N MSE A 72 8.04 -21.81 7.79
N MSE A 72 8.07 -21.81 7.78
CA MSE A 72 9.25 -21.12 8.25
CA MSE A 72 9.26 -21.16 8.31
C MSE A 72 9.30 -21.04 9.79
C MSE A 72 9.26 -21.22 9.83
O MSE A 72 10.36 -21.21 10.38
O MSE A 72 10.22 -21.67 10.45
CB MSE A 72 9.34 -19.75 7.59
CB MSE A 72 9.36 -19.70 7.88
CG MSE A 72 10.65 -19.00 7.80
CG MSE A 72 10.45 -18.96 8.65
SE MSE A 72 10.55 -17.86 9.35
SE MSE A 72 10.69 -17.16 8.00
CE MSE A 72 9.21 -16.60 8.70
CE MSE A 72 9.34 -16.27 9.08
N SER A 73 8.15 -20.80 10.43
CA SER A 73 8.07 -20.71 11.89
C SER A 73 8.27 -22.07 12.55
N GLU A 74 7.68 -23.10 11.96
CA GLU A 74 7.81 -24.47 12.45
C GLU A 74 9.24 -25.02 12.33
N GLU A 75 9.96 -24.63 11.29
CA GLU A 75 11.37 -25.03 11.12
C GLU A 75 12.32 -24.34 12.09
N ALA A 76 11.95 -23.16 12.59
CA ALA A 76 12.81 -22.36 13.45
C ALA A 76 12.70 -22.77 14.92
N GLY A 77 13.73 -22.42 15.68
CA GLY A 77 13.74 -22.63 17.12
C GLY A 77 12.69 -21.82 17.84
N GLU A 78 12.14 -22.39 18.91
CA GLU A 78 11.11 -21.71 19.68
C GLU A 78 11.67 -20.43 20.27
N GLY A 79 10.95 -19.33 20.10
CA GLY A 79 11.39 -18.03 20.59
C GLY A 79 12.43 -17.33 19.74
N SER A 80 12.86 -17.95 18.64
CA SER A 80 13.87 -17.35 17.78
C SER A 80 13.37 -16.10 17.04
N ALA A 81 14.32 -15.33 16.52
CA ALA A 81 13.99 -14.17 15.72
C ALA A 81 13.14 -14.54 14.50
N TYR A 82 13.35 -15.73 13.95
CA TYR A 82 12.56 -16.18 12.81
C TYR A 82 11.09 -16.24 13.19
N GLN A 83 10.80 -16.69 14.40
CA GLN A 83 9.43 -16.74 14.91
C GLN A 83 8.82 -15.35 15.08
N ALA A 84 9.63 -14.37 15.49
CA ALA A 84 9.19 -12.99 15.57
C ALA A 84 8.83 -12.48 14.19
N LEU A 85 9.69 -12.77 13.22
CA LEU A 85 9.43 -12.34 11.85
C LEU A 85 8.17 -12.99 11.30
N ALA A 86 7.93 -14.26 11.64
CA ALA A 86 6.70 -14.94 11.24
C ALA A 86 5.47 -14.19 11.72
N HIS A 87 5.52 -13.64 12.92
CA HIS A 87 4.39 -12.86 13.43
C HIS A 87 4.17 -11.65 12.55
N PHE A 88 5.25 -10.98 12.16
CA PHE A 88 5.15 -9.84 11.27
C PHE A 88 4.51 -10.22 9.94
N PHE A 89 5.01 -11.29 9.31
CA PHE A 89 4.47 -11.68 8.02
C PHE A 89 2.99 -12.07 8.12
N ARG A 90 2.64 -12.78 9.18
CA ARG A 90 1.24 -13.14 9.44
C ARG A 90 0.39 -11.87 9.54
N ALA A 91 0.82 -10.93 10.37
CA ALA A 91 0.08 -9.68 10.57
C ALA A 91 -0.18 -8.97 9.25
N ASN A 92 0.83 -8.88 8.42
CA ASN A 92 0.70 -8.16 7.15
C ASN A 92 -0.33 -8.81 6.24
N TYR A 93 -0.29 -10.12 6.12
CA TYR A 93 -1.24 -10.82 5.24
C TYR A 93 -2.66 -10.79 5.83
N PHE A 94 -2.80 -11.04 7.13
CA PHE A 94 -4.12 -11.00 7.76
C PHE A 94 -4.73 -9.61 7.74
N TYR A 95 -3.90 -8.58 7.88
CA TYR A 95 -4.41 -7.23 7.82
C TYR A 95 -5.01 -6.95 6.45
N GLN A 96 -4.27 -7.31 5.42
CA GLN A 96 -4.75 -7.11 4.04
C GLN A 96 -6.03 -7.92 3.81
N LEU A 97 -6.05 -9.16 4.27
CA LEU A 97 -7.21 -10.01 4.08
C LEU A 97 -8.45 -9.43 4.78
N THR A 98 -8.32 -9.01 6.04
CA THR A 98 -9.50 -8.53 6.75
C THR A 98 -9.98 -7.21 6.16
N LEU A 99 -9.08 -6.35 5.70
CA LEU A 99 -9.53 -5.11 5.04
C LEU A 99 -10.33 -5.43 3.79
N ASP A 100 -9.99 -6.52 3.10
CA ASP A 100 -10.79 -6.90 1.93
C ASP A 100 -12.20 -7.41 2.32
N PHE A 101 -12.30 -8.27 3.32
CA PHE A 101 -13.51 -9.06 3.52
C PHE A 101 -14.31 -8.74 4.78
N GLY A 102 -13.62 -8.37 5.85
CA GLY A 102 -14.22 -8.29 7.16
C GLY A 102 -13.81 -9.53 7.94
N SER A 103 -14.78 -10.31 8.41
CA SER A 103 -14.51 -11.56 9.08
C SER A 103 -13.77 -12.51 8.14
N ILE A 104 -12.78 -13.23 8.68
CA ILE A 104 -11.97 -14.17 7.88
C ILE A 104 -11.47 -15.27 8.81
N PRO A 105 -11.05 -16.41 8.23
CA PRO A 105 -10.33 -17.39 9.01
C PRO A 105 -9.04 -16.80 9.59
N TYR A 106 -8.83 -17.00 10.89
CA TYR A 106 -7.66 -16.44 11.56
C TYR A 106 -7.22 -17.47 12.60
N THR A 107 -7.87 -17.50 13.76
CA THR A 107 -7.44 -18.43 14.80
C THR A 107 -7.64 -19.90 14.39
N ASP A 108 -8.64 -20.16 13.55
CA ASP A 108 -8.93 -21.53 13.08
C ASP A 108 -8.27 -21.85 11.73
N ALA A 109 -7.52 -20.88 11.19
CA ALA A 109 -6.90 -21.06 9.89
C ALA A 109 -5.61 -21.87 9.99
N LEU A 110 -5.18 -22.41 8.86
CA LEU A 110 -3.86 -23.02 8.69
C LEU A 110 -3.65 -24.31 9.51
N LYS A 111 -4.71 -24.92 10.03
CA LYS A 111 -4.60 -26.13 10.86
C LYS A 111 -4.97 -27.42 10.13
N ALA A 112 -5.57 -27.29 8.95
CA ALA A 112 -5.84 -28.43 8.07
C ALA A 112 -5.32 -28.14 6.68
N GLU A 113 -5.24 -29.17 5.86
CA GLU A 113 -4.83 -29.00 4.46
C GLU A 113 -5.83 -28.09 3.73
N THR A 114 -5.34 -27.37 2.73
CA THR A 114 -6.19 -26.42 2.00
C THR A 114 -7.40 -27.11 1.35
N ASP A 115 -7.21 -28.37 0.94
CA ASP A 115 -8.26 -29.16 0.28
C ASP A 115 -8.91 -30.17 1.22
N ALA A 116 -8.68 -30.03 2.53
CA ALA A 116 -9.28 -30.92 3.50
C ALA A 116 -10.81 -30.78 3.49
N ASN A 117 -11.50 -31.82 3.90
CA ASN A 117 -12.95 -31.73 4.09
C ASN A 117 -13.30 -30.66 5.14
N TYR A 118 -12.47 -30.57 6.18
CA TYR A 118 -12.61 -29.49 7.16
C TYR A 118 -12.06 -28.16 6.62
N GLN A 119 -12.91 -27.14 6.69
CA GLN A 119 -12.57 -25.80 6.26
C GLN A 119 -12.86 -24.85 7.43
N PRO A 120 -12.05 -23.80 7.58
CA PRO A 120 -12.02 -23.11 8.88
C PRO A 120 -13.18 -22.18 9.20
N ALA A 121 -13.46 -22.04 10.49
CA ALA A 121 -14.36 -21.00 11.00
C ALA A 121 -13.73 -19.64 10.81
N TYR A 122 -14.58 -18.61 10.76
CA TYR A 122 -14.18 -17.23 10.57
C TYR A 122 -14.20 -16.48 11.89
N ASP A 123 -13.19 -15.63 12.10
CA ASP A 123 -13.17 -14.72 13.24
C ASP A 123 -13.65 -13.35 12.80
N SER A 124 -14.24 -12.62 13.75
CA SER A 124 -14.68 -11.27 13.49
C SER A 124 -13.48 -10.37 13.19
N GLN A 125 -13.74 -9.32 12.44
CA GLN A 125 -12.70 -8.36 12.10
C GLN A 125 -12.04 -7.80 13.34
N GLU A 126 -12.82 -7.47 14.37
CA GLU A 126 -12.24 -6.95 15.60
C GLU A 126 -11.28 -7.95 16.22
N VAL A 127 -11.66 -9.24 16.23
CA VAL A 127 -10.83 -10.27 16.80
C VAL A 127 -9.54 -10.42 16.00
N VAL A 128 -9.63 -10.34 14.68
CA VAL A 128 -8.44 -10.44 13.81
C VAL A 128 -7.52 -9.25 14.07
N LEU A 129 -8.08 -8.04 14.09
CA LEU A 129 -7.25 -6.84 14.23
C LEU A 129 -6.57 -6.80 15.62
N ALA A 130 -7.31 -7.08 16.68
CA ALA A 130 -6.73 -7.14 18.01
C ALA A 130 -5.67 -8.24 18.07
N GLY A 131 -5.96 -9.36 17.46
CA GLY A 131 -5.06 -10.49 17.43
C GLY A 131 -3.75 -10.15 16.78
N ILE A 132 -3.79 -9.51 15.62
CA ILE A 132 -2.55 -9.24 14.91
C ILE A 132 -1.79 -8.10 15.56
N LEU A 133 -2.50 -7.15 16.19
CA LEU A 133 -1.83 -6.11 16.99
C LEU A 133 -1.06 -6.75 18.14
N LYS A 134 -1.64 -7.77 18.76
CA LYS A 134 -0.94 -8.46 19.83
C LYS A 134 0.22 -9.30 19.31
N GLU A 135 0.07 -9.92 18.14
CA GLU A 135 1.18 -10.67 17.51
C GLU A 135 2.35 -9.73 17.22
N LEU A 136 2.06 -8.55 16.71
CA LEU A 136 3.11 -7.55 16.44
C LEU A 136 3.78 -7.05 17.72
N GLU A 137 2.99 -6.81 18.75
CA GLU A 137 3.50 -6.45 20.07
C GLU A 137 4.47 -7.54 20.56
N GLU A 138 4.07 -8.80 20.43
CA GLU A 138 4.88 -9.93 20.86
C GLU A 138 6.17 -9.99 20.05
N ALA A 139 6.08 -9.78 18.74
CA ALA A 139 7.26 -9.80 17.86
C ALA A 139 8.28 -8.73 18.28
N ASP A 140 7.81 -7.52 18.55
CA ASP A 140 8.67 -6.40 18.94
C ASP A 140 9.38 -6.77 20.24
N LYS A 141 8.64 -7.39 21.16
CA LYS A 141 9.16 -7.75 22.48
C LYS A 141 10.22 -8.84 22.35
N MSE A 142 9.95 -9.83 21.49
CA MSE A 142 10.84 -10.96 21.25
C MSE A 142 12.19 -10.52 20.70
O MSE A 142 13.24 -11.12 20.98
CB MSE A 142 10.21 -11.93 20.25
CG MSE A 142 9.05 -12.72 20.81
SE MSE A 142 8.20 -13.77 19.40
CE MSE A 142 9.58 -15.09 19.25
N LEU A 143 12.18 -9.52 19.83
CA LEU A 143 13.39 -9.03 19.20
C LEU A 143 14.18 -8.05 20.06
N GLU A 144 13.54 -7.48 21.08
CA GLU A 144 14.13 -6.42 21.89
C GLU A 144 15.40 -6.94 22.55
N GLY A 145 16.51 -6.28 22.25
CA GLY A 145 17.79 -6.61 22.85
C GLY A 145 18.45 -7.87 22.33
N SER A 146 17.89 -8.48 21.29
CA SER A 146 18.36 -9.78 20.84
C SER A 146 19.73 -9.68 20.15
N ASP A 147 20.63 -10.58 20.55
N ASP A 147 20.64 -10.55 20.54
CA ASP A 147 21.92 -10.71 19.91
CA ASP A 147 21.92 -10.67 19.85
C ASP A 147 21.92 -11.79 18.82
C ASP A 147 21.93 -11.80 18.82
N GLU A 148 20.75 -12.36 18.49
CA GLU A 148 20.68 -13.44 17.54
C GLU A 148 21.12 -12.99 16.17
N ILE A 149 21.90 -13.84 15.50
CA ILE A 149 22.39 -13.56 14.15
C ILE A 149 21.61 -14.45 13.20
N ILE A 150 20.72 -13.84 12.41
CA ILE A 150 19.93 -14.58 11.44
C ILE A 150 20.57 -14.49 10.07
N SER A 151 20.17 -15.41 9.20
CA SER A 151 20.63 -15.46 7.82
C SER A 151 19.43 -15.44 6.88
N GLY A 152 19.68 -15.15 5.60
CA GLY A 152 18.63 -15.15 4.58
C GLY A 152 17.77 -13.90 4.58
N ASP A 153 18.21 -12.89 5.33
CA ASP A 153 17.43 -11.67 5.48
C ASP A 153 17.80 -10.70 4.37
N ILE A 154 17.09 -10.80 3.26
CA ILE A 154 17.30 -9.96 2.09
C ILE A 154 16.71 -8.57 2.23
N ILE A 155 16.02 -8.29 3.33
CA ILE A 155 15.42 -6.96 3.55
C ILE A 155 16.35 -6.08 4.36
N TYR A 156 16.79 -6.59 5.52
CA TYR A 156 17.57 -5.76 6.43
C TYR A 156 18.93 -6.36 6.80
N ASN A 157 19.35 -7.41 6.10
CA ASN A 157 20.67 -8.00 6.33
C ASN A 157 20.95 -8.40 7.77
N GLY A 158 19.91 -8.82 8.49
CA GLY A 158 20.07 -9.36 9.83
C GLY A 158 19.92 -8.34 10.95
N ASN A 159 19.66 -7.08 10.58
CA ASN A 159 19.53 -6.03 11.58
C ASN A 159 18.15 -6.13 12.26
N LEU A 160 18.12 -6.73 13.44
CA LEU A 160 16.88 -6.98 14.15
C LEU A 160 16.22 -5.69 14.59
N VAL A 161 16.99 -4.64 14.83
CA VAL A 161 16.43 -3.34 15.21
C VAL A 161 15.61 -2.81 14.05
N ASN A 162 16.09 -3.00 12.83
CA ASN A 162 15.31 -2.56 11.65
C ASN A 162 13.97 -3.29 11.57
N TRP A 163 13.97 -4.57 11.93
CA TRP A 163 12.74 -5.33 11.95
C TRP A 163 11.80 -4.78 13.02
N ARG A 164 12.34 -4.44 14.19
CA ARG A 164 11.52 -3.86 15.25
C ARG A 164 10.89 -2.53 14.79
N LYS A 165 11.68 -1.72 14.10
CA LYS A 165 11.18 -0.45 13.58
C LYS A 165 10.01 -0.68 12.62
N LEU A 166 10.16 -1.68 11.73
CA LEU A 166 9.12 -1.99 10.76
C LEU A 166 7.87 -2.55 11.44
N ILE A 167 8.06 -3.43 12.41
CA ILE A 167 6.96 -3.97 13.20
C ILE A 167 6.19 -2.85 13.88
N ASN A 168 6.91 -1.92 14.49
CA ASN A 168 6.25 -0.83 15.19
C ASN A 168 5.54 0.14 14.25
N ALA A 169 6.17 0.46 13.12
CA ALA A 169 5.53 1.26 12.08
C ALA A 169 4.24 0.57 11.64
N TYR A 170 4.27 -0.76 11.51
CA TYR A 170 3.09 -1.49 11.05
C TYR A 170 1.95 -1.40 12.09
N ARG A 171 2.31 -1.48 13.37
CA ARG A 171 1.33 -1.31 14.43
C ARG A 171 0.67 0.06 14.31
N LEU A 172 1.46 1.10 14.03
CA LEU A 172 0.93 2.45 13.86
C LEU A 172 0.01 2.54 12.64
N ARG A 173 0.39 1.86 11.57
CA ARG A 173 -0.46 1.81 10.35
C ARG A 173 -1.84 1.25 10.70
N ILE A 174 -1.84 0.13 11.39
CA ILE A 174 -3.09 -0.54 11.72
C ILE A 174 -3.90 0.35 12.67
N LEU A 175 -3.23 0.89 13.67
CA LEU A 175 -3.95 1.71 14.65
C LEU A 175 -4.56 2.98 14.01
N MSE A 176 -3.84 3.61 13.10
CA MSE A 176 -4.36 4.80 12.43
C MSE A 176 -5.56 4.43 11.55
O MSE A 176 -6.49 5.21 11.41
CB MSE A 176 -3.30 5.50 11.59
CG MSE A 176 -3.79 6.82 10.98
SE MSE A 176 -4.61 8.09 12.24
CE MSE A 176 -3.04 8.39 13.21
N SER A 177 -5.54 3.25 10.95
CA SER A 177 -6.70 2.81 10.17
C SER A 177 -7.94 2.66 11.05
N LEU A 178 -7.72 2.48 12.37
CA LEU A 178 -8.77 2.34 13.35
C LEU A 178 -9.06 3.66 14.04
N SER A 179 -8.79 4.77 13.36
CA SER A 179 -9.07 6.08 13.91
C SER A 179 -10.53 6.31 14.29
N GLY A 180 -11.44 5.52 13.73
CA GLY A 180 -12.86 5.65 14.10
C GLY A 180 -13.25 4.89 15.36
N LYS A 181 -12.30 4.17 15.95
CA LYS A 181 -12.56 3.34 17.13
C LYS A 181 -11.84 3.81 18.38
N GLU A 182 -12.50 3.69 19.53
CA GLU A 182 -11.84 3.89 20.81
C GLU A 182 -11.00 2.69 21.19
N LYS A 183 -11.58 1.51 20.98
CA LYS A 183 -11.00 0.24 21.37
C LYS A 183 -11.02 -0.74 20.20
N VAL A 184 -10.05 -1.64 20.22
CA VAL A 184 -10.03 -2.81 19.36
C VAL A 184 -9.65 -3.97 20.27
N GLY A 185 -10.60 -4.86 20.50
CA GLY A 185 -10.43 -5.83 21.56
C GLY A 185 -10.27 -5.09 22.88
N ASP A 186 -9.28 -5.47 23.67
CA ASP A 186 -8.96 -4.75 24.91
C ASP A 186 -7.92 -3.63 24.73
N ILE A 187 -7.54 -3.37 23.47
CA ILE A 187 -6.52 -2.36 23.16
C ILE A 187 -7.18 -0.98 23.00
N ASP A 188 -6.73 0.00 23.76
CA ASP A 188 -7.18 1.37 23.60
C ASP A 188 -6.37 1.99 22.46
N VAL A 189 -7.03 2.31 21.36
CA VAL A 189 -6.34 2.66 20.10
C VAL A 189 -5.39 3.82 20.29
N LYS A 190 -5.86 4.92 20.83
CA LYS A 190 -5.04 6.14 20.92
C LYS A 190 -3.92 6.00 21.94
N SER A 191 -4.20 5.37 23.08
CA SER A 191 -3.18 5.22 24.10
C SER A 191 -2.11 4.22 23.64
N GLU A 192 -2.51 3.14 22.97
CA GLU A 192 -1.52 2.19 22.44
C GLU A 192 -0.65 2.86 21.39
N PHE A 193 -1.27 3.64 20.51
CA PHE A 193 -0.52 4.38 19.48
C PHE A 193 0.56 5.23 20.16
N SER A 194 0.13 6.01 21.15
N SER A 194 0.15 6.01 21.16
CA SER A 194 1.03 6.91 21.85
CA SER A 194 1.05 6.92 21.85
C SER A 194 2.18 6.18 22.55
C SER A 194 2.17 6.20 22.59
N LYS A 195 1.87 5.03 23.16
CA LYS A 195 2.86 4.21 23.84
C LYS A 195 3.92 3.69 22.87
N ILE A 196 3.49 3.26 21.70
CA ILE A 196 4.42 2.76 20.71
C ILE A 196 5.35 3.89 20.26
N VAL A 197 4.80 5.06 20.00
CA VAL A 197 5.62 6.19 19.57
C VAL A 197 6.64 6.57 20.64
N ALA A 198 6.19 6.56 21.89
CA ALA A 198 7.06 6.90 23.03
C ALA A 198 8.18 5.89 23.22
N ASP A 199 7.85 4.60 23.09
CA ASP A 199 8.81 3.53 23.35
C ASP A 199 9.74 3.33 22.16
N GLY A 200 9.20 3.36 20.94
CA GLY A 200 9.99 3.06 19.75
C GLY A 200 10.51 1.62 19.75
N PRO A 201 11.44 1.30 18.84
CA PRO A 201 11.98 2.19 17.86
C PRO A 201 11.07 2.33 16.65
N LEU A 202 11.27 3.41 15.92
CA LEU A 202 10.57 3.67 14.66
C LEU A 202 11.55 3.94 13.55
N MSE A 203 11.11 3.86 12.31
CA MSE A 203 11.98 4.17 11.19
CA MSE A 203 11.98 4.17 11.19
C MSE A 203 12.47 5.62 11.29
O MSE A 203 11.71 6.52 11.66
CB MSE A 203 11.24 3.97 9.88
CB MSE A 203 11.25 3.94 9.87
CG MSE A 203 10.72 2.55 9.71
CG MSE A 203 10.90 2.50 9.65
SE MSE A 203 9.98 2.37 7.93
SE MSE A 203 10.05 2.20 7.93
CE MSE A 203 9.24 0.61 8.02
CE MSE A 203 8.24 2.42 8.47
N GLU A 204 13.74 5.83 10.99
CA GLU A 204 14.36 7.15 11.16
C GLU A 204 14.70 7.85 9.86
N SER A 205 14.67 7.11 8.76
CA SER A 205 14.99 7.65 7.46
C SER A 205 14.55 6.65 6.38
N LEU A 206 14.68 7.08 5.15
CA LEU A 206 14.42 6.23 3.99
C LEU A 206 15.24 4.93 4.03
N SER A 207 16.43 4.98 4.63
CA SER A 207 17.29 3.79 4.78
CA SER A 207 17.27 3.77 4.72
C SER A 207 16.64 2.66 5.57
N ASP A 208 15.65 3.01 6.39
CA ASP A 208 14.97 2.04 7.25
C ASP A 208 13.75 1.44 6.57
N ASN A 209 13.44 1.85 5.33
CA ASN A 209 12.27 1.31 4.63
C ASN A 209 12.19 -0.22 4.61
N GLY A 210 10.98 -0.72 4.82
CA GLY A 210 10.69 -2.11 4.62
C GLY A 210 10.42 -2.29 3.15
N GLN A 211 11.48 -2.53 2.38
CA GLN A 211 11.38 -2.63 0.94
C GLN A 211 12.25 -3.73 0.37
N LEU A 212 11.84 -4.20 -0.81
CA LEU A 212 12.55 -5.24 -1.54
C LEU A 212 13.34 -4.61 -2.67
N ILE A 213 14.64 -4.88 -2.71
CA ILE A 213 15.53 -4.45 -3.79
C ILE A 213 15.56 -5.52 -4.86
N TYR A 214 15.38 -5.08 -6.12
CA TYR A 214 15.41 -5.98 -7.25
C TYR A 214 16.76 -5.95 -7.92
N LEU A 215 17.05 -7.05 -8.61
CA LEU A 215 18.36 -7.29 -9.24
C LEU A 215 18.13 -7.88 -10.61
N ASP A 216 19.02 -7.56 -11.54
CA ASP A 216 18.91 -8.09 -12.90
C ASP A 216 19.41 -9.53 -12.99
N GLN A 217 18.62 -10.43 -12.41
CA GLN A 217 18.97 -11.85 -12.25
C GLN A 217 17.67 -12.65 -12.23
N GLN A 218 17.71 -13.89 -12.70
CA GLN A 218 16.52 -14.76 -12.76
CA GLN A 218 16.49 -14.70 -12.79
C GLN A 218 15.78 -14.76 -11.44
N ASP A 219 14.47 -14.54 -11.47
CA ASP A 219 13.58 -14.58 -10.30
C ASP A 219 13.76 -13.43 -9.27
N ASN A 220 14.59 -12.45 -9.60
N ASN A 220 14.60 -12.43 -9.56
CA ASN A 220 14.88 -11.35 -8.70
CA ASN A 220 14.82 -11.30 -8.65
C ASN A 220 14.54 -9.99 -9.32
C ASN A 220 14.49 -9.96 -9.30
N ARG A 221 13.86 -10.00 -10.47
CA ARG A 221 13.57 -8.75 -11.19
C ARG A 221 12.25 -8.10 -10.76
N TYR A 222 12.21 -6.79 -11.00
CA TYR A 222 11.04 -5.97 -10.71
C TYR A 222 9.80 -6.60 -11.35
N PRO A 223 8.66 -6.63 -10.62
CA PRO A 223 7.56 -7.49 -11.03
C PRO A 223 6.84 -7.01 -12.30
N TYR A 224 6.94 -5.74 -12.64
CA TYR A 224 6.35 -5.24 -13.88
C TYR A 224 7.27 -5.29 -15.08
N PHE A 225 8.50 -5.77 -14.90
CA PHE A 225 9.45 -5.83 -15.99
C PHE A 225 8.88 -6.75 -17.09
N ASN A 226 8.81 -6.21 -18.30
N ASN A 226 8.77 -6.20 -18.29
CA ASN A 226 8.22 -6.93 -19.46
CA ASN A 226 8.25 -6.93 -19.44
C ASN A 226 6.79 -7.41 -19.25
C ASN A 226 6.79 -7.38 -19.29
N ASP A 227 6.03 -6.68 -18.44
CA ASP A 227 4.62 -6.99 -18.21
C ASP A 227 3.82 -6.53 -19.43
N SER A 228 3.14 -7.45 -20.10
N SER A 228 3.10 -7.48 -20.02
CA SER A 228 2.45 -7.11 -21.35
CA SER A 228 2.38 -7.29 -21.27
C SER A 228 1.25 -6.17 -21.17
C SER A 228 1.10 -6.45 -21.15
N ASP A 229 0.76 -6.02 -19.94
CA ASP A 229 -0.40 -5.13 -19.71
C ASP A 229 -0.09 -3.64 -19.86
N PHE A 230 1.17 -3.29 -20.12
N PHE A 230 1.19 -3.32 -19.94
CA PHE A 230 1.57 -1.88 -20.26
CA PHE A 230 1.58 -2.04 -20.44
C PHE A 230 1.55 -1.32 -21.69
C PHE A 230 1.54 -2.22 -21.95
N GLY A 231 0.99 -2.08 -22.61
N GLY A 231 1.36 -1.13 -22.67
CA GLY A 231 0.96 -1.64 -23.98
CA GLY A 231 1.08 -1.23 -24.10
C GLY A 231 -0.32 -0.89 -24.29
C GLY A 231 -0.34 -0.77 -24.33
N SER A 232 -1.02 -1.41 -25.29
CA SER A 232 -2.30 -0.94 -25.70
C SER A 232 -3.30 -0.89 -24.54
N GLY A 233 -3.93 0.25 -24.42
CA GLY A 233 -5.05 0.36 -23.54
C GLY A 233 -4.71 0.92 -22.17
N ARG A 234 -3.44 0.98 -21.80
CA ARG A 234 -3.09 1.46 -20.45
C ARG A 234 -2.56 2.90 -20.48
N PHE A 235 -3.26 3.79 -19.78
CA PHE A 235 -2.91 5.20 -19.75
C PHE A 235 -3.07 5.71 -18.33
N MSE A 236 -2.53 6.90 -18.09
CA MSE A 236 -2.71 7.59 -16.83
C MSE A 236 -4.13 8.14 -16.72
O MSE A 236 -4.75 8.57 -17.69
CB MSE A 236 -1.73 8.74 -16.72
CG MSE A 236 -0.22 8.36 -16.83
SE MSE A 236 0.37 6.99 -15.60
CE MSE A 236 0.07 7.99 -13.95
N ASP A 237 -4.61 8.13 -15.48
CA ASP A 237 -5.87 8.72 -15.12
C ASP A 237 -5.72 10.24 -15.04
N SER A 238 -6.64 10.95 -15.67
CA SER A 238 -6.56 12.41 -15.72
CA SER A 238 -6.57 12.41 -15.74
C SER A 238 -6.61 13.04 -14.35
N THR A 239 -7.35 12.42 -13.43
CA THR A 239 -7.48 13.00 -12.09
C THR A 239 -6.18 12.92 -11.31
N TYR A 240 -5.42 11.84 -11.50
CA TYR A 240 -4.14 11.72 -10.80
C TYR A 240 -3.16 12.73 -11.37
N ILE A 241 -3.12 12.83 -12.70
CA ILE A 241 -2.28 13.81 -13.36
C ILE A 241 -2.62 15.21 -12.87
N ALA A 242 -3.91 15.50 -12.76
CA ALA A 242 -4.35 16.81 -12.26
C ALA A 242 -3.90 17.04 -10.81
N GLU A 243 -4.01 16.03 -9.97
CA GLU A 243 -3.59 16.22 -8.57
C GLU A 243 -2.12 16.60 -8.52
N LEU A 244 -1.32 15.97 -9.37
CA LEU A 244 0.12 16.27 -9.42
C LEU A 244 0.39 17.64 -10.05
N ALA A 245 -0.24 17.92 -11.19
CA ALA A 245 0.05 19.12 -11.95
C ALA A 245 -0.39 20.37 -11.21
N THR A 246 -1.53 20.31 -10.54
CA THR A 246 -2.03 21.48 -9.81
C THR A 246 -1.14 21.81 -8.61
N ARG A 247 -0.38 20.82 -8.14
CA ARG A 247 0.61 21.01 -7.07
C ARG A 247 2.01 21.27 -7.61
N GLN A 248 2.14 21.35 -8.94
CA GLN A 248 3.43 21.49 -9.60
C GLN A 248 4.41 20.45 -9.07
N ASP A 249 3.93 19.20 -9.01
CA ASP A 249 4.66 18.11 -8.40
C ASP A 249 5.54 17.45 -9.45
N PRO A 250 6.86 17.58 -9.32
CA PRO A 250 7.73 16.99 -10.33
C PRO A 250 7.77 15.47 -10.27
N ARG A 251 7.20 14.86 -9.24
CA ARG A 251 7.03 13.41 -9.29
C ARG A 251 6.13 12.98 -10.44
N LEU A 252 5.32 13.90 -10.98
CA LEU A 252 4.61 13.64 -12.21
C LEU A 252 5.55 13.17 -13.31
N PHE A 253 6.71 13.82 -13.42
CA PHE A 253 7.66 13.48 -14.49
C PHE A 253 8.22 12.08 -14.27
N ALA A 254 8.37 11.70 -13.01
CA ALA A 254 8.89 10.38 -12.65
C ALA A 254 7.89 9.25 -12.92
N VAL A 255 6.59 9.50 -12.77
CA VAL A 255 5.59 8.42 -12.89
C VAL A 255 4.99 8.31 -14.29
N ALA A 256 4.98 9.42 -15.04
CA ALA A 256 4.27 9.49 -16.32
C ALA A 256 5.15 9.97 -17.46
N THR A 257 4.80 9.55 -18.67
CA THR A 257 5.37 10.14 -19.89
C THR A 257 4.66 11.44 -20.22
N GLN A 258 5.29 12.28 -21.02
CA GLN A 258 4.57 13.34 -21.71
C GLN A 258 3.56 12.70 -22.68
N THR A 259 2.54 13.44 -23.08
CA THR A 259 1.68 12.90 -24.14
C THR A 259 2.54 12.79 -25.42
N PRO A 260 2.22 11.82 -26.29
CA PRO A 260 2.94 11.73 -27.56
C PRO A 260 2.93 13.04 -28.35
N ASN A 261 1.79 13.73 -28.39
CA ASN A 261 1.72 15.01 -29.10
C ASN A 261 2.60 16.11 -28.45
N ALA A 262 2.64 16.15 -27.12
CA ALA A 262 3.45 17.15 -26.44
C ALA A 262 4.93 16.92 -26.68
N GLU A 263 5.33 15.64 -26.72
CA GLU A 263 6.70 15.26 -27.02
C GLU A 263 7.06 15.68 -28.44
N LYS A 264 6.17 15.36 -29.41
N LYS A 264 6.19 15.40 -29.41
CA LYS A 264 6.32 15.79 -30.81
CA LYS A 264 6.40 15.78 -30.81
C LYS A 264 6.48 17.30 -30.96
C LYS A 264 6.37 17.30 -31.06
N ALA A 265 5.72 18.05 -30.16
CA ALA A 265 5.76 19.51 -30.21
C ALA A 265 7.00 20.07 -29.51
N GLY A 266 7.79 19.20 -28.87
CA GLY A 266 9.01 19.62 -28.19
C GLY A 266 8.78 20.39 -26.89
N LYS A 267 7.64 20.13 -26.23
CA LYS A 267 7.40 20.77 -24.93
C LYS A 267 8.41 20.26 -23.91
N ALA A 268 8.82 21.15 -23.02
CA ALA A 268 9.80 20.81 -21.99
C ALA A 268 9.27 19.70 -21.07
N ILE A 269 10.18 18.86 -20.58
CA ILE A 269 9.85 17.79 -19.64
C ILE A 269 9.15 18.34 -18.39
N ASN A 270 9.52 19.55 -17.95
CA ASN A 270 8.92 20.17 -16.78
C ASN A 270 7.76 21.12 -17.10
N ASP A 271 7.23 21.02 -18.32
CA ASP A 271 6.02 21.77 -18.69
C ASP A 271 4.81 20.91 -18.26
N PHE A 272 4.10 21.36 -17.22
CA PHE A 272 3.01 20.56 -16.68
C PHE A 272 1.88 20.33 -17.68
N SER A 273 1.77 21.21 -18.67
CA SER A 273 0.74 21.06 -19.70
C SER A 273 1.05 19.96 -20.69
N SER A 274 2.26 19.37 -20.65
CA SER A 274 2.66 18.31 -21.56
C SER A 274 2.28 16.91 -21.05
N TYR A 275 1.61 16.86 -19.89
CA TYR A 275 1.07 15.65 -19.28
C TYR A 275 -0.44 15.72 -19.23
N ASP A 276 -1.09 14.61 -19.54
CA ASP A 276 -2.55 14.53 -19.51
C ASP A 276 -2.95 13.09 -19.39
N GLY A 277 -4.14 12.88 -18.89
CA GLY A 277 -4.64 11.54 -18.73
C GLY A 277 -6.03 11.49 -19.31
N GLY A 278 -6.67 10.34 -19.13
CA GLY A 278 -8.05 10.17 -19.56
C GLY A 278 -9.01 10.17 -18.39
N ASP A 279 -10.22 10.63 -18.64
CA ASP A 279 -11.27 10.71 -17.63
C ASP A 279 -11.75 9.30 -17.29
N PRO A 280 -11.60 8.85 -16.03
CA PRO A 280 -11.95 7.46 -15.73
C PRO A 280 -13.43 7.15 -15.67
N ALA A 281 -14.28 8.18 -15.64
CA ALA A 281 -15.71 7.98 -15.39
C ALA A 281 -16.60 8.19 -16.60
N VAL A 282 -16.04 8.45 -17.76
CA VAL A 282 -16.82 8.49 -19.01
C VAL A 282 -16.62 7.17 -19.76
N PRO A 283 -17.47 6.89 -20.75
CA PRO A 283 -17.27 5.61 -21.42
C PRO A 283 -15.87 5.48 -22.02
N TYR A 284 -15.28 4.32 -21.87
CA TYR A 284 -13.88 4.11 -22.25
C TYR A 284 -13.61 4.36 -23.74
N SER A 285 -14.62 4.14 -24.60
CA SER A 285 -14.45 4.37 -26.02
C SER A 285 -14.09 5.82 -26.33
N LEU A 286 -14.66 6.75 -25.56
CA LEU A 286 -14.40 8.15 -25.79
C LEU A 286 -12.96 8.51 -25.42
N VAL A 287 -12.47 7.90 -24.34
CA VAL A 287 -11.13 8.16 -23.89
C VAL A 287 -10.11 7.47 -24.80
N ASN A 288 -10.48 6.32 -25.35
CA ASN A 288 -9.63 5.66 -26.35
C ASN A 288 -9.35 6.59 -27.52
N ASP A 289 -10.35 7.36 -27.93
CA ASP A 289 -10.14 8.34 -29.01
C ASP A 289 -9.05 9.36 -28.65
N LYS A 290 -9.08 9.86 -27.43
CA LYS A 290 -8.07 10.82 -26.96
C LYS A 290 -6.66 10.19 -26.94
N ALA A 291 -6.60 8.92 -26.54
CA ALA A 291 -5.31 8.23 -26.44
C ALA A 291 -4.77 7.95 -27.83
N VAL A 292 -5.64 7.51 -28.74
CA VAL A 292 -5.25 7.22 -30.12
C VAL A 292 -4.76 8.49 -30.84
N ALA A 293 -5.38 9.62 -30.51
CA ALA A 293 -5.02 10.92 -31.06
C ALA A 293 -3.69 11.44 -30.54
N GLY A 294 -3.15 10.83 -29.48
CA GLY A 294 -1.83 11.18 -28.95
C GLY A 294 -1.86 12.16 -27.78
N ASN A 295 -3.01 12.27 -27.12
CA ASN A 295 -3.20 13.25 -26.05
C ASN A 295 -3.26 12.70 -24.64
N CYS A 296 -2.85 11.44 -24.46
N CYS A 296 -2.72 11.51 -24.45
CA CYS A 296 -2.77 10.84 -23.12
CA CYS A 296 -2.77 10.86 -23.15
C CYS A 296 -1.35 10.37 -22.78
C CYS A 296 -1.43 10.25 -22.73
N SER A 297 -0.98 10.63 -21.53
CA SER A 297 0.25 10.11 -20.94
C SER A 297 0.09 8.64 -20.57
N LYS A 298 1.20 7.92 -20.59
CA LYS A 298 1.29 6.54 -20.15
C LYS A 298 2.23 6.48 -18.95
N PRO A 299 2.18 5.36 -18.22
CA PRO A 299 3.21 5.15 -17.21
C PRO A 299 4.61 5.26 -17.79
N ALA A 300 5.53 5.79 -17.00
CA ALA A 300 6.90 5.97 -17.42
C ALA A 300 7.46 4.62 -17.82
N PRO A 301 8.28 4.59 -18.88
CA PRO A 301 8.76 3.31 -19.40
C PRO A 301 9.63 2.51 -18.43
N ARG A 302 10.28 3.18 -17.47
CA ARG A 302 11.05 2.46 -16.46
C ARG A 302 10.23 1.45 -15.71
N TYR A 303 8.91 1.64 -15.61
CA TYR A 303 8.08 0.69 -14.87
C TYR A 303 7.98 -0.69 -15.52
N TYR A 304 8.22 -0.77 -16.83
CA TYR A 304 8.14 -2.07 -17.49
C TYR A 304 9.34 -2.41 -18.36
N GLN A 305 10.28 -1.48 -18.49
CA GLN A 305 11.44 -1.75 -19.34
C GLN A 305 12.75 -1.91 -18.59
N THR A 306 12.74 -1.76 -17.27
CA THR A 306 13.97 -1.84 -16.49
C THR A 306 13.91 -2.98 -15.47
N PRO A 307 14.94 -3.83 -15.44
CA PRO A 307 14.81 -5.01 -14.59
C PRO A 307 14.81 -4.76 -13.09
N THR A 308 15.29 -3.61 -12.63
CA THR A 308 15.32 -3.32 -11.20
C THR A 308 14.49 -2.08 -10.78
N ASN A 309 13.85 -1.44 -11.76
CA ASN A 309 13.20 -0.13 -11.57
C ASN A 309 13.40 0.54 -10.22
N GLU A 310 12.45 0.36 -9.31
CA GLU A 310 12.55 0.93 -7.98
C GLU A 310 12.23 -0.17 -6.97
N PRO A 311 12.73 -0.02 -5.74
CA PRO A 311 12.38 -0.98 -4.72
C PRO A 311 10.88 -1.00 -4.44
N MSE A 312 10.36 -2.17 -4.05
CA MSE A 312 8.96 -2.31 -3.68
C MSE A 312 8.86 -2.07 -2.19
O MSE A 312 9.39 -2.84 -1.40
CB MSE A 312 8.42 -3.70 -4.04
CG MSE A 312 6.89 -3.72 -4.13
SE MSE A 312 6.12 -2.53 -5.39
CE MSE A 312 6.73 -3.35 -7.05
N VAL A 313 8.14 -1.02 -1.81
CA VAL A 313 8.04 -0.57 -0.43
C VAL A 313 6.75 -1.12 0.19
N LEU A 314 6.90 -2.08 1.09
CA LEU A 314 5.78 -2.66 1.84
C LEU A 314 5.29 -1.61 2.84
N LEU A 315 6.24 -1.02 3.57
CA LEU A 315 5.94 0.04 4.50
C LEU A 315 7.20 0.84 4.69
N GLY A 316 7.11 2.11 4.39
CA GLY A 316 8.27 3.00 4.35
C GLY A 316 8.15 4.20 5.25
N TYR A 317 9.24 4.93 5.29
CA TYR A 317 9.40 6.10 6.10
C TYR A 317 8.41 7.21 5.74
N VAL A 318 8.15 7.37 4.46
CA VAL A 318 7.24 8.42 4.02
C VAL A 318 5.86 8.19 4.66
N GLU A 319 5.33 6.98 4.52
CA GLU A 319 4.06 6.65 5.10
C GLU A 319 4.10 6.79 6.64
N GLN A 320 5.17 6.29 7.25
CA GLN A 320 5.24 6.34 8.70
C GLN A 320 5.13 7.79 9.18
N GLN A 321 5.92 8.67 8.57
CA GLN A 321 5.94 10.06 9.01
C GLN A 321 4.58 10.76 8.82
N LEU A 322 3.86 10.38 7.77
CA LEU A 322 2.56 10.94 7.51
C LEU A 322 1.50 10.37 8.46
N ILE A 323 1.66 9.10 8.87
CA ILE A 323 0.83 8.58 9.94
C ILE A 323 1.03 9.40 11.23
N LEU A 324 2.29 9.66 11.53
CA LEU A 324 2.60 10.47 12.71
C LEU A 324 2.05 11.90 12.60
N ALA A 325 2.14 12.47 11.41
CA ALA A 325 1.57 13.79 11.21
C ALA A 325 0.07 13.79 11.51
N GLU A 326 -0.64 12.80 10.97
CA GLU A 326 -2.08 12.73 11.21
C GLU A 326 -2.37 12.55 12.72
N ALA A 327 -1.57 11.71 13.38
CA ALA A 327 -1.75 11.49 14.82
C ALA A 327 -1.55 12.80 15.62
N VAL A 328 -0.60 13.62 15.21
CA VAL A 328 -0.46 14.93 15.84
C VAL A 328 -1.70 15.79 15.61
N VAL A 329 -2.17 15.86 14.38
CA VAL A 329 -3.32 16.69 14.06
C VAL A 329 -4.54 16.25 14.87
N ARG A 330 -4.72 14.94 15.00
CA ARG A 330 -5.84 14.36 15.76
C ARG A 330 -5.66 14.44 17.28
N GLY A 331 -4.47 14.85 17.73
CA GLY A 331 -4.21 15.01 19.16
C GLY A 331 -3.85 13.72 19.89
N TRP A 332 -3.55 12.65 19.14
CA TRP A 332 -3.18 11.37 19.76
C TRP A 332 -1.78 11.43 20.39
N ILE A 333 -0.91 12.21 19.76
CA ILE A 333 0.43 12.44 20.27
C ILE A 333 0.77 13.91 20.13
N GLN A 334 1.77 14.35 20.89
CA GLN A 334 2.35 15.68 20.69
C GLN A 334 3.46 15.55 19.65
N GLY A 335 3.85 16.66 19.04
CA GLY A 335 4.91 16.68 18.05
C GLY A 335 4.66 17.80 17.06
N ASP A 336 5.59 17.96 16.14
CA ASP A 336 5.53 19.02 15.14
C ASP A 336 5.00 18.38 13.85
N ASP A 337 3.68 18.53 13.63
CA ASP A 337 3.06 17.93 12.43
C ASP A 337 3.62 18.47 11.12
N LYS A 338 3.97 19.75 11.07
CA LYS A 338 4.58 20.30 9.86
C LYS A 338 5.85 19.59 9.50
N ILE A 339 6.75 19.36 10.48
CA ILE A 339 8.01 18.73 10.13
C ILE A 339 7.87 17.23 9.92
N TYR A 340 6.88 16.57 10.53
CA TYR A 340 6.58 15.19 10.13
C TYR A 340 6.19 15.17 8.65
N TYR A 341 5.28 16.06 8.28
CA TYR A 341 4.81 16.15 6.88
C TYR A 341 5.94 16.46 5.92
N GLU A 342 6.73 17.47 6.25
CA GLU A 342 7.80 17.87 5.37
C GLU A 342 8.88 16.80 5.27
N SER A 343 9.20 16.12 6.38
CA SER A 343 10.21 15.06 6.34
C SER A 343 9.77 13.94 5.41
N ALA A 344 8.46 13.67 5.38
CA ALA A 344 7.91 12.63 4.50
C ALA A 344 8.05 13.03 3.04
N VAL A 345 7.63 14.25 2.73
CA VAL A 345 7.67 14.72 1.34
C VAL A 345 9.12 14.74 0.84
N LYS A 346 10.02 15.25 1.67
CA LYS A 346 11.43 15.32 1.31
C LYS A 346 12.00 13.91 1.04
N ALA A 347 11.64 12.95 1.88
CA ALA A 347 12.07 11.56 1.71
C ALA A 347 11.50 10.94 0.42
N SER A 348 10.29 11.33 0.04
CA SER A 348 9.71 10.81 -1.18
C SER A 348 10.48 11.33 -2.39
N PHE A 349 10.85 12.61 -2.35
CA PHE A 349 11.72 13.15 -3.43
C PHE A 349 13.05 12.41 -3.51
N GLU A 350 13.65 12.16 -2.35
CA GLU A 350 14.93 11.42 -2.29
C GLU A 350 14.80 10.05 -2.93
N PHE A 351 13.68 9.37 -2.67
CA PHE A 351 13.42 8.08 -3.25
C PHE A 351 13.33 8.16 -4.77
N TYR A 352 12.46 9.04 -5.27
CA TYR A 352 12.28 9.15 -6.72
C TYR A 352 13.51 9.67 -7.43
N GLN A 353 14.29 10.52 -6.76
CA GLN A 353 15.50 11.00 -7.39
C GLN A 353 16.45 9.85 -7.72
N LYS A 354 16.51 8.86 -6.83
N LYS A 354 16.48 8.84 -6.86
CA LYS A 354 17.40 7.70 -7.02
CA LYS A 354 17.41 7.74 -7.01
C LYS A 354 16.99 6.89 -8.25
C LYS A 354 16.99 6.74 -8.10
N TYR A 355 15.68 6.65 -8.38
CA TYR A 355 15.18 5.64 -9.32
C TYR A 355 14.59 6.19 -10.61
N ALA A 356 14.17 7.44 -10.62
CA ALA A 356 13.64 8.08 -11.83
C ALA A 356 14.78 8.83 -12.46
N VAL A 357 15.76 8.08 -12.96
CA VAL A 357 17.07 8.65 -13.28
C VAL A 357 17.02 9.75 -14.35
N SER A 358 16.13 9.59 -15.33
CA SER A 358 16.06 10.55 -16.43
C SER A 358 15.52 11.92 -16.00
N VAL A 359 14.82 11.99 -14.87
CA VAL A 359 14.25 13.24 -14.39
C VAL A 359 14.80 13.65 -13.01
N ALA A 360 15.90 13.03 -12.61
CA ALA A 360 16.49 13.25 -11.30
C ALA A 360 16.77 14.72 -10.97
N ASP A 361 17.14 15.53 -11.95
CA ASP A 361 17.47 16.93 -11.67
C ASP A 361 16.27 17.73 -11.19
N TYR A 362 15.05 17.23 -11.44
CA TYR A 362 13.84 17.89 -10.96
C TYR A 362 13.40 17.45 -9.58
N LEU A 363 14.18 16.53 -8.99
CA LEU A 363 13.79 15.85 -7.76
C LEU A 363 14.83 15.99 -6.66
N THR A 364 15.66 17.03 -6.75
CA THR A 364 16.63 17.35 -5.71
C THR A 364 15.94 17.82 -4.43
N GLN A 365 16.69 17.95 -3.35
CA GLN A 365 16.15 18.47 -2.09
C GLN A 365 15.82 19.95 -2.21
N ASP A 366 16.53 20.67 -3.06
CA ASP A 366 16.13 22.04 -3.36
C ASP A 366 14.74 22.04 -4.05
N ALA A 367 14.50 21.09 -4.97
CA ALA A 367 13.18 20.97 -5.60
C ALA A 367 12.12 20.59 -4.58
N ALA A 368 12.47 19.75 -3.61
CA ALA A 368 11.51 19.37 -2.58
C ALA A 368 11.11 20.58 -1.76
N ALA A 369 12.09 21.42 -1.44
CA ALA A 369 11.83 22.57 -0.59
C ALA A 369 10.91 23.56 -1.31
N GLU A 370 11.14 23.73 -2.63
CA GLU A 370 10.27 24.59 -3.45
C GLU A 370 8.87 24.01 -3.52
N TYR A 371 8.75 22.70 -3.75
CA TYR A 371 7.46 22.03 -3.82
C TYR A 371 6.66 22.27 -2.55
N LEU A 372 7.35 22.21 -1.41
CA LEU A 372 6.72 22.37 -0.13
C LEU A 372 6.21 23.80 0.15
N ARG A 373 6.61 24.74 -0.70
CA ARG A 373 6.12 26.12 -0.66
CA ARG A 373 6.09 26.11 -0.64
C ARG A 373 4.96 26.35 -1.64
N ASN A 374 4.64 25.35 -2.46
CA ASN A 374 3.58 25.50 -3.46
C ASN A 374 2.21 25.65 -2.85
N ASP A 375 1.39 26.41 -3.57
CA ASP A 375 -0.03 26.40 -3.28
C ASP A 375 -0.49 24.94 -3.36
N LYS A 376 -1.40 24.63 -2.46
CA LYS A 376 -2.02 23.36 -2.35
C LYS A 376 -1.15 22.36 -1.62
N VAL A 377 0.13 22.66 -1.40
CA VAL A 377 1.05 21.75 -0.71
C VAL A 377 1.48 22.31 0.65
N ALA A 378 1.76 23.61 0.71
CA ALA A 378 2.33 24.24 1.90
C ALA A 378 1.52 23.94 3.14
N TYR A 379 2.22 23.53 4.19
CA TYR A 379 1.62 23.12 5.42
C TYR A 379 1.94 24.13 6.53
N SER A 380 0.92 24.56 7.24
CA SER A 380 1.13 25.48 8.37
C SER A 380 -0.02 25.42 9.34
N SER A 381 0.20 25.98 10.52
CA SER A 381 -0.76 25.89 11.61
C SER A 381 -2.08 26.58 11.31
N SER A 382 -2.06 27.58 10.42
CA SER A 382 -3.29 28.34 10.13
C SER A 382 -4.28 27.56 9.29
N LEU A 383 -3.86 26.48 8.64
CA LEU A 383 -4.78 25.64 7.91
C LEU A 383 -5.84 25.07 8.85
N SER A 384 -7.04 24.84 8.34
CA SER A 384 -8.03 24.11 9.12
C SER A 384 -7.59 22.67 9.36
N THR A 385 -8.19 22.05 10.38
CA THR A 385 -7.89 20.67 10.66
C THR A 385 -8.19 19.77 9.46
N ASP A 386 -9.33 20.02 8.81
CA ASP A 386 -9.70 19.21 7.65
C ASP A 386 -8.68 19.42 6.53
N GLU A 387 -8.23 20.67 6.33
CA GLU A 387 -7.20 20.94 5.32
C GLU A 387 -5.87 20.25 5.63
N LYS A 388 -5.49 20.19 6.90
CA LYS A 388 -4.27 19.53 7.30
C LYS A 388 -4.35 18.03 7.00
N ILE A 389 -5.47 17.41 7.38
CA ILE A 389 -5.67 15.98 7.13
C ILE A 389 -5.62 15.72 5.62
N GLU A 390 -6.30 16.57 4.83
CA GLU A 390 -6.30 16.37 3.41
C GLU A 390 -4.88 16.47 2.85
N ARG A 391 -4.10 17.44 3.30
CA ARG A 391 -2.70 17.58 2.87
CA ARG A 391 -2.73 17.55 2.80
C ARG A 391 -1.92 16.31 3.14
N ILE A 392 -2.10 15.80 4.35
CA ILE A 392 -1.36 14.64 4.80
C ILE A 392 -1.74 13.41 4.00
N ILE A 393 -3.03 13.18 3.86
CA ILE A 393 -3.49 12.00 3.13
C ILE A 393 -3.12 12.08 1.63
N MSE A 394 -3.18 13.28 1.07
N MSE A 394 -3.17 13.27 1.04
CA MSE A 394 -2.77 13.48 -0.31
CA MSE A 394 -2.75 13.40 -0.35
C MSE A 394 -1.29 13.09 -0.51
C MSE A 394 -1.26 13.10 -0.54
O MSE A 394 -0.95 12.39 -1.46
O MSE A 394 -0.86 12.50 -1.54
CB MSE A 394 -3.02 14.93 -0.74
CB MSE A 394 -3.14 14.78 -0.92
CG MSE A 394 -2.62 15.23 -2.16
CG MSE A 394 -4.64 14.97 -1.07
SE MSE A 394 -3.61 14.26 -3.54
SE MSE A 394 -5.56 13.57 -2.05
CE MSE A 394 -5.42 14.84 -3.07
CE MSE A 394 -4.89 13.89 -3.84
N GLN A 395 -0.43 13.54 0.39
CA GLN A 395 0.98 13.18 0.31
C GLN A 395 1.25 11.69 0.56
N LYS A 396 0.36 11.02 1.28
N LYS A 396 0.35 11.02 1.26
CA LYS A 396 0.44 9.55 1.42
CA LYS A 396 0.45 9.58 1.44
C LYS A 396 0.06 8.87 0.12
C LYS A 396 -0.01 8.83 0.19
N TYR A 397 -0.95 9.43 -0.54
CA TYR A 397 -1.53 8.85 -1.75
C TYR A 397 -0.63 9.00 -2.95
N LEU A 398 -0.15 10.21 -3.20
CA LEU A 398 0.53 10.49 -4.46
C LEU A 398 1.70 9.55 -4.82
N PRO A 399 2.58 9.18 -3.85
CA PRO A 399 3.73 8.34 -4.22
C PRO A 399 3.45 6.81 -4.17
N THR A 400 2.20 6.40 -4.21
CA THR A 400 1.90 4.98 -4.11
C THR A 400 1.69 4.30 -5.47
N PHE A 401 2.04 5.01 -6.53
CA PHE A 401 1.90 4.51 -7.90
C PHE A 401 2.71 3.20 -8.10
N LEU A 402 1.98 2.11 -8.36
CA LEU A 402 2.54 0.81 -8.65
C LEU A 402 3.48 0.38 -7.52
N GLN A 403 3.10 0.74 -6.30
CA GLN A 403 3.94 0.46 -5.15
C GLN A 403 3.41 -0.67 -4.25
N GLY A 404 4.06 -0.88 -3.11
CA GLY A 404 3.75 -2.00 -2.26
C GLY A 404 2.66 -1.76 -1.24
N SER A 405 1.99 -0.61 -1.32
CA SER A 405 0.84 -0.33 -0.44
C SER A 405 -0.41 -1.08 -0.90
N VAL A 406 -0.36 -1.63 -2.11
N VAL A 406 -0.36 -1.69 -2.09
CA VAL A 406 -1.42 -2.49 -2.61
CA VAL A 406 -1.41 -2.59 -2.56
C VAL A 406 -2.79 -1.81 -2.46
C VAL A 406 -2.77 -1.87 -2.49
N TRP A 407 -3.77 -2.45 -1.82
CA TRP A 407 -5.11 -1.81 -1.73
C TRP A 407 -5.24 -0.77 -0.62
N LEU A 408 -4.21 -0.60 0.20
CA LEU A 408 -4.30 0.31 1.33
C LEU A 408 -4.65 1.77 0.99
N PRO A 409 -4.12 2.33 -0.11
CA PRO A 409 -4.55 3.70 -0.43
C PRO A 409 -6.05 3.82 -0.75
N TYR A 410 -6.65 2.77 -1.30
CA TYR A 410 -8.06 2.73 -1.54
C TYR A 410 -8.81 2.76 -0.19
N TYR A 411 -8.41 1.88 0.71
CA TYR A 411 -9.06 1.82 2.03
C TYR A 411 -8.86 3.10 2.83
N GLU A 412 -7.72 3.77 2.65
CA GLU A 412 -7.50 5.04 3.34
C GLU A 412 -8.47 6.12 2.83
N ALA A 413 -8.82 6.05 1.54
CA ALA A 413 -9.83 6.95 0.98
C ALA A 413 -11.21 6.66 1.61
N LEU A 414 -11.52 5.40 1.88
CA LEU A 414 -12.77 5.09 2.59
C LEU A 414 -12.76 5.66 4.01
N ARG A 415 -11.61 5.56 4.66
CA ARG A 415 -11.51 6.01 6.04
C ARG A 415 -11.62 7.55 6.14
N THR A 416 -10.90 8.24 5.26
CA THR A 416 -10.70 9.68 5.39
C THR A 416 -11.50 10.54 4.43
N GLY A 417 -11.97 9.96 3.34
CA GLY A 417 -12.58 10.72 2.27
C GLY A 417 -11.64 11.29 1.21
N TYR A 418 -10.33 11.05 1.37
CA TYR A 418 -9.35 11.63 0.48
C TYR A 418 -8.49 10.58 -0.18
N PRO A 419 -8.22 10.71 -1.48
CA PRO A 419 -8.90 11.60 -2.44
C PRO A 419 -10.36 11.19 -2.64
N ASP A 420 -11.17 12.09 -3.20
CA ASP A 420 -12.56 11.75 -3.57
C ASP A 420 -12.57 11.22 -5.00
N PHE A 421 -12.62 9.90 -5.13
CA PHE A 421 -12.39 9.23 -6.40
C PHE A 421 -13.51 9.48 -7.40
N ARG A 422 -13.13 9.96 -8.57
CA ARG A 422 -14.06 10.26 -9.62
C ARG A 422 -14.78 9.04 -10.12
N ARG A 423 -16.10 9.15 -10.21
CA ARG A 423 -16.93 8.05 -10.66
C ARG A 423 -18.21 8.61 -11.19
N ALA A 424 -18.89 7.81 -11.98
CA ALA A 424 -20.11 8.27 -12.64
C ALA A 424 -21.24 8.46 -11.65
N ALA A 425 -22.26 9.18 -12.09
CA ALA A 425 -23.39 9.48 -11.22
C ALA A 425 -24.02 8.18 -10.74
N GLY A 426 -24.34 8.14 -9.45
CA GLY A 426 -24.94 6.96 -8.84
C GLY A 426 -24.00 5.81 -8.51
N VAL A 427 -22.70 5.97 -8.78
CA VAL A 427 -21.76 4.88 -8.48
C VAL A 427 -21.25 5.05 -7.05
N SER A 428 -21.37 3.98 -6.23
CA SER A 428 -20.87 3.98 -4.86
C SER A 428 -19.46 3.37 -4.82
N LEU A 429 -18.62 3.85 -3.90
CA LEU A 429 -17.34 3.19 -3.63
C LEU A 429 -17.61 1.93 -2.80
N PRO A 430 -17.20 0.74 -3.29
CA PRO A 430 -17.32 -0.47 -2.47
C PRO A 430 -16.54 -0.40 -1.18
N TYR A 431 -17.15 -0.89 -0.12
CA TYR A 431 -16.50 -0.94 1.18
C TYR A 431 -15.62 -2.15 1.34
N ARG A 432 -15.90 -3.19 0.59
CA ARG A 432 -15.31 -4.50 0.80
C ARG A 432 -15.51 -5.36 -0.43
N TRP A 433 -15.10 -6.62 -0.32
CA TRP A 433 -15.24 -7.62 -1.34
C TRP A 433 -16.12 -8.73 -0.81
N MSE A 434 -16.85 -9.36 -1.71
CA MSE A 434 -17.62 -10.53 -1.35
C MSE A 434 -16.70 -11.73 -1.19
O MSE A 434 -15.63 -11.78 -1.76
CB MSE A 434 -18.66 -10.81 -2.41
CG MSE A 434 -19.70 -9.70 -2.53
SE MSE A 434 -20.75 -9.81 -4.15
CE MSE A 434 -21.20 -11.71 -4.11
N TYR A 435 -17.16 -12.71 -0.43
CA TYR A 435 -16.34 -13.89 -0.22
C TYR A 435 -16.20 -14.72 -1.48
N PRO A 436 -15.06 -15.42 -1.60
CA PRO A 436 -14.87 -16.23 -2.80
C PRO A 436 -15.93 -17.32 -2.97
N GLN A 437 -16.25 -17.60 -4.22
CA GLN A 437 -17.18 -18.67 -4.52
C GLN A 437 -16.73 -19.99 -3.91
N ASP A 438 -15.41 -20.24 -3.88
CA ASP A 438 -14.90 -21.46 -3.31
C ASP A 438 -15.26 -21.64 -1.83
N GLU A 439 -15.35 -20.53 -1.10
CA GLU A 439 -15.80 -20.57 0.29
C GLU A 439 -17.28 -20.93 0.41
N TYR A 440 -18.09 -20.38 -0.47
CA TYR A 440 -19.49 -20.77 -0.50
C TYR A 440 -19.63 -22.26 -0.86
N ASN A 441 -18.76 -22.73 -1.75
CA ASN A 441 -18.83 -24.10 -2.24
C ASN A 441 -18.38 -25.13 -1.23
N ASN A 442 -17.35 -24.81 -0.44
CA ASN A 442 -16.71 -25.79 0.41
C ASN A 442 -16.68 -25.45 1.89
N ASN A 443 -17.16 -24.27 2.25
CA ASN A 443 -17.15 -23.78 3.63
C ASN A 443 -18.44 -23.04 3.95
N ALA A 444 -19.55 -23.56 3.41
CA ALA A 444 -20.81 -22.83 3.38
C ALA A 444 -21.33 -22.49 4.78
N THR A 445 -21.25 -23.44 5.72
CA THR A 445 -21.76 -23.21 7.09
C THR A 445 -21.01 -22.07 7.78
N HIS A 446 -19.69 -22.11 7.65
CA HIS A 446 -18.86 -21.07 8.27
C HIS A 446 -19.03 -19.70 7.63
N VAL A 447 -19.15 -19.67 6.30
CA VAL A 447 -19.43 -18.43 5.59
C VAL A 447 -20.77 -17.84 6.05
N GLU A 448 -21.80 -18.69 6.07
CA GLU A 448 -23.12 -18.23 6.48
C GLU A 448 -23.09 -17.67 7.90
N ALA A 449 -22.37 -18.32 8.80
CA ALA A 449 -22.24 -17.80 10.18
C ALA A 449 -21.56 -16.42 10.17
N ALA A 450 -20.52 -16.26 9.36
CA ALA A 450 -19.86 -14.96 9.23
C ALA A 450 -20.78 -13.87 8.68
N LEU A 451 -21.60 -14.21 7.70
CA LEU A 451 -22.51 -13.23 7.13
C LEU A 451 -23.57 -12.83 8.16
N ASN A 452 -24.03 -13.79 8.95
CA ASN A 452 -25.03 -13.53 9.97
C ASN A 452 -24.47 -12.70 11.11
N GLU A 453 -23.22 -12.95 11.48
CA GLU A 453 -22.58 -12.15 12.54
C GLU A 453 -22.32 -10.71 12.12
N GLN A 454 -21.99 -10.52 10.84
CA GLN A 454 -21.59 -9.19 10.36
C GLN A 454 -22.71 -8.35 9.82
N PHE A 455 -23.54 -8.94 8.94
CA PHE A 455 -24.40 -8.15 8.04
C PHE A 455 -25.82 -8.70 7.93
N GLY A 456 -26.25 -9.44 8.95
CA GLY A 456 -27.60 -10.07 8.94
C GLY A 456 -27.85 -10.99 7.76
N GLY A 457 -26.80 -11.60 7.23
CA GLY A 457 -26.90 -12.58 6.18
C GLY A 457 -26.52 -12.11 4.79
N SER A 458 -26.31 -10.80 4.65
CA SER A 458 -25.92 -10.19 3.41
C SER A 458 -24.41 -10.36 3.16
N ASP A 459 -24.03 -10.41 1.89
CA ASP A 459 -22.63 -10.40 1.45
C ASP A 459 -22.53 -9.52 0.21
N LYS A 460 -22.40 -8.23 0.42
CA LYS A 460 -22.38 -7.27 -0.68
C LYS A 460 -21.17 -6.36 -0.52
N THR A 461 -20.72 -5.80 -1.62
CA THR A 461 -19.61 -4.88 -1.57
C THR A 461 -20.02 -3.57 -0.87
N SER A 462 -21.31 -3.32 -0.76
CA SER A 462 -21.87 -2.17 -0.10
C SER A 462 -22.12 -2.35 1.39
N ASP A 463 -21.87 -3.55 1.92
CA ASP A 463 -22.00 -3.79 3.36
C ASP A 463 -20.79 -3.20 4.08
N LYS A 464 -21.05 -2.30 5.01
CA LYS A 464 -19.97 -1.56 5.70
C LYS A 464 -19.35 -2.42 6.80
N PRO A 465 -18.04 -2.72 6.69
CA PRO A 465 -17.39 -3.59 7.67
C PRO A 465 -17.11 -2.89 8.99
N TRP A 466 -16.82 -3.68 10.01
CA TRP A 466 -16.65 -3.20 11.36
C TRP A 466 -15.72 -1.98 11.47
N TRP A 467 -14.57 -2.03 10.81
CA TRP A 467 -13.54 -1.01 11.03
C TRP A 467 -13.97 0.39 10.62
N LEU A 468 -14.97 0.48 9.75
CA LEU A 468 -15.52 1.75 9.27
C LEU A 468 -16.81 2.19 9.98
N GLN A 469 -17.33 1.35 10.87
CA GLN A 469 -18.59 1.64 11.55
C GLN A 469 -18.40 2.61 12.71
CL CL B . -6.93 -22.11 6.14
CL CL C . 16.40 -21.28 14.35
CL CL D . -14.68 -16.44 -6.56
#